data_3GU0
#
_entry.id   3GU0
#
_cell.length_a   95.387
_cell.length_b   114.487
_cell.length_c   94.558
_cell.angle_alpha   90.000
_cell.angle_beta   90.000
_cell.angle_gamma   90.000
#
_symmetry.space_group_name_H-M   'C 2 2 21'
#
_entity_poly.entity_id   1
_entity_poly.type   'polypeptide(L)'
_entity_poly.pdbx_seq_one_letter_code
;MEVKELERDKNRVVLEYVFGAEEIAQAEDKAVRYLNQRVEIPGFRKGRIPKNVLKMKLGEEFQEYTLDFLMDLIPDTLKD
RKLILSPIVTERELKDVTARVVVEVHEEPEVRIGDISKIEVEKVDEEKVLEKYVERRIEDLRESHALLEPKEGPAEAGDL
VRVNMEVYNEEGKKLTSREYEYVISEDEDRPFVKDLVGKKKGDVVEIEREYEGKKYTYKLEVEEVYKRTLPEIGDELAKS
VNNEFETLEQLKESLKKEGKEIYDVEMKESMREQLLEKLPEIVEIEISDRTLEILVNEAINRLKREGRYEQIVSSYESEE
KFREELKERILDDIKRDRVIEVLAQEKGISVNDEELEKEAEELAPFWGISPDRAKSLVKARQDLREELRWAILKRKVLDL
LLQEVEHHHHHH
;
_entity_poly.pdbx_strand_id   A
#
# COMPACT_ATOMS: atom_id res chain seq x y z
N MET A 1 -10.35 -25.16 -37.43
CA MET A 1 -9.73 -24.40 -36.31
C MET A 1 -9.14 -23.07 -36.79
N GLU A 2 -10.01 -22.09 -36.95
CA GLU A 2 -9.58 -20.77 -37.38
C GLU A 2 -9.97 -19.67 -36.38
N VAL A 3 -8.96 -18.91 -35.94
CA VAL A 3 -9.19 -17.73 -35.12
C VAL A 3 -9.48 -16.55 -36.04
N LYS A 4 -10.70 -16.05 -35.94
CA LYS A 4 -11.07 -14.85 -36.68
C LYS A 4 -11.37 -13.76 -35.67
N GLU A 5 -10.49 -12.77 -35.60
CA GLU A 5 -10.77 -11.57 -34.83
C GLU A 5 -12.04 -10.99 -35.44
N LEU A 6 -13.17 -11.30 -34.82
CA LEU A 6 -14.46 -10.85 -35.33
C LEU A 6 -14.51 -9.34 -35.21
N GLU A 7 -14.20 -8.84 -34.01
CA GLU A 7 -14.19 -7.39 -33.75
C GLU A 7 -13.11 -6.99 -32.77
N ARG A 8 -12.62 -5.76 -32.93
CA ARG A 8 -11.79 -5.10 -31.92
C ARG A 8 -12.57 -3.91 -31.35
N ASP A 9 -12.41 -3.67 -30.05
CA ASP A 9 -13.06 -2.55 -29.40
C ASP A 9 -11.99 -1.88 -28.57
N LYS A 10 -11.21 -1.04 -29.24
CA LYS A 10 -10.04 -0.41 -28.66
C LYS A 10 -9.15 -1.52 -28.11
N ASN A 11 -9.09 -1.62 -26.79
CA ASN A 11 -8.28 -2.63 -26.10
C ASN A 11 -9.17 -3.72 -25.49
N ARG A 12 -9.79 -4.48 -26.42
CA ARG A 12 -10.77 -5.55 -26.17
C ARG A 12 -11.19 -6.17 -27.51
N VAL A 13 -10.58 -7.28 -27.88
CA VAL A 13 -10.93 -7.98 -29.12
C VAL A 13 -11.91 -9.10 -28.83
N VAL A 14 -12.84 -9.33 -29.76
CA VAL A 14 -13.72 -10.52 -29.72
C VAL A 14 -13.32 -11.48 -30.85
N LEU A 15 -13.06 -12.74 -30.50
CA LEU A 15 -12.56 -13.72 -31.45
C LEU A 15 -13.50 -14.91 -31.66
N GLU A 16 -13.74 -15.26 -32.92
CA GLU A 16 -14.55 -16.42 -33.26
C GLU A 16 -13.63 -17.62 -33.50
N TYR A 17 -13.69 -18.58 -32.58
CA TYR A 17 -12.95 -19.83 -32.69
C TYR A 17 -13.89 -20.90 -33.21
N VAL A 18 -13.63 -21.36 -34.43
CA VAL A 18 -14.51 -22.33 -35.07
C VAL A 18 -13.81 -23.66 -35.23
N PHE A 19 -14.56 -24.72 -34.92
CA PHE A 19 -14.03 -26.07 -34.93
C PHE A 19 -14.82 -26.98 -35.86
N GLY A 20 -14.14 -27.48 -36.89
CA GLY A 20 -14.73 -28.38 -37.89
C GLY A 20 -15.11 -29.72 -37.31
N ALA A 21 -15.65 -30.60 -38.16
CA ALA A 21 -16.21 -31.87 -37.71
C ALA A 21 -15.17 -32.83 -37.11
N GLU A 22 -13.99 -32.87 -37.73
CA GLU A 22 -12.89 -33.72 -37.27
C GLU A 22 -12.63 -33.58 -35.78
N GLU A 23 -12.49 -32.32 -35.33
CA GLU A 23 -12.25 -32.01 -33.92
C GLU A 23 -13.49 -32.19 -33.06
N ILE A 24 -14.65 -31.86 -33.60
CA ILE A 24 -15.90 -32.01 -32.86
C ILE A 24 -15.96 -33.43 -32.33
N ALA A 25 -15.51 -34.37 -33.13
CA ALA A 25 -15.39 -35.76 -32.71
C ALA A 25 -14.28 -35.92 -31.67
N GLN A 26 -13.10 -35.34 -31.95
CA GLN A 26 -11.92 -35.49 -31.09
C GLN A 26 -12.14 -35.07 -29.63
N ALA A 27 -13.09 -34.16 -29.39
CA ALA A 27 -13.45 -33.71 -28.03
C ALA A 27 -14.69 -34.42 -27.48
N GLU A 28 -15.42 -35.09 -28.38
CA GLU A 28 -16.64 -35.83 -28.02
C GLU A 28 -16.28 -37.12 -27.31
N ASP A 29 -15.56 -38.01 -27.99
CA ASP A 29 -15.09 -39.26 -27.37
C ASP A 29 -13.97 -39.00 -26.34
N LYS A 30 -13.49 -37.74 -26.28
CA LYS A 30 -12.59 -37.31 -25.21
C LYS A 30 -13.39 -36.77 -24.03
N ALA A 31 -14.70 -36.67 -24.18
CA ALA A 31 -15.59 -36.32 -23.08
C ALA A 31 -16.29 -37.55 -22.51
N VAL A 32 -16.51 -38.55 -23.37
CA VAL A 32 -17.09 -39.85 -22.98
C VAL A 32 -16.13 -40.60 -22.05
N ARG A 33 -14.84 -40.34 -22.23
CA ARG A 33 -13.79 -40.86 -21.38
C ARG A 33 -13.95 -40.29 -19.97
N TYR A 34 -14.02 -38.96 -19.89
CA TYR A 34 -14.10 -38.21 -18.63
C TYR A 34 -15.44 -38.42 -17.92
N LEU A 35 -16.51 -38.29 -18.70
CA LEU A 35 -17.86 -38.48 -18.21
C LEU A 35 -18.07 -39.85 -17.67
N ASN A 36 -17.59 -40.84 -18.42
CA ASN A 36 -17.79 -42.24 -18.10
C ASN A 36 -17.32 -42.55 -16.71
N GLN A 37 -16.16 -42.00 -16.35
CA GLN A 37 -15.59 -42.16 -15.02
C GLN A 37 -16.31 -41.32 -13.95
N ARG A 38 -17.19 -40.42 -14.39
CA ARG A 38 -18.06 -39.71 -13.47
C ARG A 38 -19.41 -40.44 -13.33
N VAL A 39 -19.84 -41.08 -14.41
CA VAL A 39 -21.17 -41.66 -14.52
C VAL A 39 -21.23 -43.11 -14.03
N GLU A 40 -22.39 -43.50 -13.52
CA GLU A 40 -22.62 -44.86 -13.03
C GLU A 40 -24.05 -45.32 -13.36
N ILE A 41 -24.18 -46.17 -14.38
CA ILE A 41 -25.44 -46.87 -14.71
C ILE A 41 -25.29 -48.40 -14.86
N PRO A 42 -26.22 -49.18 -14.29
CA PRO A 42 -26.23 -50.65 -14.26
C PRO A 42 -25.64 -51.33 -15.50
N GLY A 43 -24.98 -52.46 -15.28
CA GLY A 43 -24.41 -53.26 -16.36
C GLY A 43 -23.02 -52.81 -16.78
N PHE A 44 -22.96 -51.66 -17.47
CA PHE A 44 -21.74 -51.14 -18.08
C PHE A 44 -20.60 -50.89 -17.09
N ARG A 45 -19.54 -51.69 -17.21
CA ARG A 45 -18.45 -51.70 -16.22
C ARG A 45 -17.57 -50.44 -16.22
N LYS A 46 -16.64 -50.37 -15.26
CA LYS A 46 -15.94 -49.13 -14.86
C LYS A 46 -15.21 -48.36 -15.97
N GLY A 47 -15.91 -47.37 -16.53
CA GLY A 47 -15.40 -46.56 -17.63
C GLY A 47 -15.89 -47.02 -19.00
N ARG A 48 -16.51 -48.19 -19.06
CA ARG A 48 -16.92 -48.78 -20.34
C ARG A 48 -18.43 -48.64 -20.62
N ILE A 49 -18.92 -47.40 -20.69
CA ILE A 49 -20.28 -47.12 -21.14
C ILE A 49 -20.20 -46.44 -22.51
N PRO A 50 -20.64 -47.14 -23.57
CA PRO A 50 -20.68 -46.65 -24.95
C PRO A 50 -21.23 -45.23 -25.15
N LYS A 51 -20.57 -44.46 -26.01
CA LYS A 51 -20.81 -43.03 -26.24
C LYS A 51 -22.28 -42.63 -26.38
N ASN A 52 -23.00 -43.30 -27.27
CA ASN A 52 -24.40 -42.96 -27.51
C ASN A 52 -25.23 -43.10 -26.25
N VAL A 53 -25.07 -44.22 -25.54
CA VAL A 53 -25.81 -44.50 -24.33
C VAL A 53 -25.61 -43.40 -23.28
N LEU A 54 -24.38 -42.89 -23.20
CA LEU A 54 -24.03 -41.80 -22.30
C LEU A 54 -24.72 -40.52 -22.73
N LYS A 55 -24.58 -40.20 -24.02
CA LYS A 55 -25.30 -39.10 -24.64
C LYS A 55 -26.81 -39.36 -24.56
N MET A 56 -27.18 -40.59 -24.22
CA MET A 56 -28.58 -40.90 -23.97
C MET A 56 -28.98 -40.31 -22.63
N LYS A 57 -28.22 -40.63 -21.58
CA LYS A 57 -28.50 -40.13 -20.24
C LYS A 57 -28.46 -38.61 -20.12
N LEU A 58 -27.50 -37.98 -20.81
CA LEU A 58 -27.33 -36.53 -20.74
C LEU A 58 -28.04 -35.80 -21.87
N GLY A 59 -27.77 -36.24 -23.11
CA GLY A 59 -28.37 -35.63 -24.30
C GLY A 59 -27.90 -34.20 -24.55
N GLU A 60 -28.77 -33.24 -24.22
CA GLU A 60 -28.46 -31.82 -24.36
C GLU A 60 -27.43 -31.36 -23.33
N GLU A 61 -27.31 -32.13 -22.25
CA GLU A 61 -26.29 -31.94 -21.24
C GLU A 61 -24.92 -32.26 -21.83
N PHE A 62 -24.86 -33.34 -22.62
CA PHE A 62 -23.62 -33.80 -23.24
C PHE A 62 -22.93 -32.75 -24.11
N GLN A 63 -23.71 -32.07 -24.94
CA GLN A 63 -23.23 -31.01 -25.81
C GLN A 63 -22.21 -30.16 -25.08
N GLU A 64 -22.54 -29.77 -23.86
CA GLU A 64 -21.66 -28.97 -23.02
C GLU A 64 -20.26 -29.56 -22.83
N TYR A 65 -20.19 -30.88 -22.59
CA TYR A 65 -18.91 -31.55 -22.29
C TYR A 65 -18.02 -31.60 -23.52
N THR A 66 -18.61 -31.98 -24.65
CA THR A 66 -17.94 -31.92 -25.93
C THR A 66 -17.30 -30.54 -26.07
N LEU A 67 -18.09 -29.50 -25.77
CA LEU A 67 -17.70 -28.08 -25.96
C LEU A 67 -16.52 -27.66 -25.08
N ASP A 68 -16.56 -28.04 -23.80
CA ASP A 68 -15.50 -27.71 -22.87
C ASP A 68 -14.18 -28.34 -23.28
N PHE A 69 -14.23 -29.57 -23.77
CA PHE A 69 -13.02 -30.22 -24.23
C PHE A 69 -12.66 -29.84 -25.68
N LEU A 70 -13.46 -28.95 -26.24
CA LEU A 70 -13.03 -28.15 -27.40
C LEU A 70 -12.58 -26.77 -26.92
N MET A 71 -13.29 -26.22 -25.92
CA MET A 71 -13.00 -24.91 -25.33
C MET A 71 -11.64 -24.83 -24.68
N ASP A 72 -11.08 -25.96 -24.28
CA ASP A 72 -9.76 -25.96 -23.66
C ASP A 72 -8.68 -25.68 -24.71
N LEU A 73 -8.96 -25.99 -25.97
CA LEU A 73 -8.07 -25.65 -27.07
C LEU A 73 -7.90 -24.14 -27.29
N ILE A 74 -8.84 -23.34 -26.79
CA ILE A 74 -8.79 -21.87 -26.93
C ILE A 74 -7.57 -21.26 -26.25
N PRO A 75 -7.37 -21.50 -24.92
CA PRO A 75 -6.18 -20.99 -24.22
C PRO A 75 -4.87 -21.12 -25.02
N ASP A 76 -4.79 -22.13 -25.90
CA ASP A 76 -3.57 -22.37 -26.67
C ASP A 76 -3.45 -21.46 -27.90
N THR A 77 -3.81 -20.18 -27.72
CA THR A 77 -3.85 -19.23 -28.84
C THR A 77 -3.55 -17.80 -28.39
N LEU A 78 -4.02 -17.45 -27.20
CA LEU A 78 -3.79 -16.14 -26.60
C LEU A 78 -2.69 -16.23 -25.53
N LYS A 79 -1.58 -16.87 -25.92
CA LYS A 79 -0.44 -17.07 -25.06
C LYS A 79 0.41 -15.80 -25.07
N ASP A 80 0.38 -15.13 -26.22
CA ASP A 80 1.20 -13.96 -26.45
C ASP A 80 0.62 -12.68 -25.84
N ARG A 81 -0.70 -12.54 -25.80
CA ARG A 81 -1.30 -11.31 -25.30
C ARG A 81 -1.29 -11.22 -23.78
N LYS A 82 -0.87 -10.05 -23.28
CA LYS A 82 -0.94 -9.74 -21.86
C LYS A 82 -2.21 -8.93 -21.63
N LEU A 83 -3.16 -9.54 -20.93
CA LEU A 83 -4.49 -8.98 -20.85
C LEU A 83 -4.91 -8.55 -19.45
N ILE A 84 -5.81 -7.59 -19.38
CA ILE A 84 -6.37 -7.15 -18.12
C ILE A 84 -7.21 -8.27 -17.52
N LEU A 85 -8.07 -8.88 -18.34
CA LEU A 85 -9.04 -9.86 -17.83
C LEU A 85 -9.08 -11.19 -18.58
N SER A 86 -9.05 -12.26 -17.79
CA SER A 86 -9.22 -13.62 -18.30
C SER A 86 -10.31 -13.70 -19.36
N PRO A 87 -10.05 -14.40 -20.46
CA PRO A 87 -11.02 -14.48 -21.55
C PRO A 87 -12.43 -14.85 -21.08
N ILE A 88 -13.40 -14.14 -21.65
CA ILE A 88 -14.80 -14.30 -21.31
C ILE A 88 -15.59 -14.81 -22.53
N VAL A 89 -16.25 -15.95 -22.35
CA VAL A 89 -16.96 -16.65 -23.42
C VAL A 89 -18.40 -16.15 -23.57
N THR A 90 -18.64 -15.32 -24.57
CA THR A 90 -19.94 -14.66 -24.78
C THR A 90 -21.00 -15.66 -25.25
N GLU A 91 -20.58 -16.57 -26.11
CA GLU A 91 -21.45 -17.56 -26.70
C GLU A 91 -20.63 -18.77 -27.13
N ARG A 92 -21.20 -19.95 -26.95
CA ARG A 92 -20.57 -21.20 -27.37
C ARG A 92 -21.66 -22.01 -28.05
N GLU A 93 -21.40 -22.44 -29.28
CA GLU A 93 -22.43 -23.08 -30.10
C GLU A 93 -21.91 -24.35 -30.78
N LEU A 94 -22.81 -25.30 -31.02
CA LEU A 94 -22.48 -26.52 -31.75
C LEU A 94 -23.66 -26.96 -32.61
N LYS A 95 -23.39 -27.27 -33.88
CA LYS A 95 -24.40 -27.84 -34.76
C LYS A 95 -23.86 -29.05 -35.50
N ASP A 96 -24.62 -29.52 -36.49
CA ASP A 96 -24.33 -30.74 -37.25
C ASP A 96 -22.85 -30.94 -37.60
N VAL A 97 -22.26 -29.98 -38.31
CA VAL A 97 -20.88 -30.06 -38.75
C VAL A 97 -20.11 -28.79 -38.35
N THR A 98 -20.23 -28.44 -37.08
CA THR A 98 -19.64 -27.20 -36.58
C THR A 98 -19.80 -27.01 -35.07
N ALA A 99 -18.72 -26.56 -34.46
CA ALA A 99 -18.72 -26.16 -33.07
C ALA A 99 -18.05 -24.80 -32.99
N ARG A 100 -18.88 -23.77 -32.85
CA ARG A 100 -18.41 -22.40 -32.82
C ARG A 100 -18.28 -21.91 -31.38
N VAL A 101 -17.19 -21.19 -31.08
CA VAL A 101 -17.03 -20.51 -29.78
C VAL A 101 -16.68 -19.02 -29.98
N VAL A 102 -17.40 -18.16 -29.27
CA VAL A 102 -17.16 -16.71 -29.30
C VAL A 102 -16.52 -16.29 -27.98
N VAL A 103 -15.25 -15.92 -28.04
CA VAL A 103 -14.50 -15.50 -26.85
C VAL A 103 -14.12 -14.01 -26.91
N GLU A 104 -14.39 -13.33 -25.80
CA GLU A 104 -14.09 -11.91 -25.66
C GLU A 104 -12.78 -11.83 -24.90
N VAL A 105 -11.85 -11.06 -25.44
CA VAL A 105 -10.49 -11.03 -24.94
C VAL A 105 -10.13 -9.59 -24.58
N HIS A 106 -10.04 -9.35 -23.26
CA HIS A 106 -9.80 -8.01 -22.73
C HIS A 106 -8.33 -7.75 -22.41
N GLU A 107 -7.55 -7.43 -23.44
CA GLU A 107 -6.12 -7.16 -23.31
C GLU A 107 -5.82 -5.85 -22.60
N GLU A 108 -4.68 -5.79 -21.91
CA GLU A 108 -4.24 -4.57 -21.22
C GLU A 108 -4.26 -3.37 -22.17
N PRO A 109 -4.72 -2.21 -21.70
CA PRO A 109 -4.94 -1.12 -22.62
C PRO A 109 -3.67 -0.36 -22.97
N GLU A 110 -3.74 0.35 -24.09
CA GLU A 110 -2.67 1.21 -24.54
C GLU A 110 -2.85 2.57 -23.92
N VAL A 111 -1.76 3.28 -23.78
CA VAL A 111 -1.78 4.62 -23.25
C VAL A 111 -0.96 5.54 -24.16
N ARG A 112 -0.84 6.80 -23.79
CA ARG A 112 -0.05 7.75 -24.54
C ARG A 112 0.37 8.87 -23.62
N ILE A 113 1.64 8.86 -23.22
CA ILE A 113 2.20 9.91 -22.36
C ILE A 113 2.11 11.22 -23.14
N GLY A 114 1.33 12.17 -22.63
CA GLY A 114 1.19 13.46 -23.27
C GLY A 114 2.38 14.37 -22.98
N ASP A 115 2.08 15.51 -22.39
CA ASP A 115 3.06 16.54 -22.16
C ASP A 115 3.58 16.53 -20.73
N ILE A 116 4.50 15.61 -20.43
CA ILE A 116 5.04 15.41 -19.08
C ILE A 116 5.59 16.70 -18.43
N SER A 117 5.79 17.73 -19.24
CA SER A 117 6.22 19.05 -18.75
C SER A 117 5.05 19.82 -18.19
N LYS A 118 3.88 19.64 -18.79
CA LYS A 118 2.64 20.36 -18.43
C LYS A 118 2.03 19.83 -17.12
N ILE A 119 2.84 19.76 -16.08
CA ILE A 119 2.44 19.14 -14.84
C ILE A 119 3.06 19.87 -13.63
N GLU A 120 2.19 20.43 -12.79
CA GLU A 120 2.63 21.31 -11.69
C GLU A 120 2.78 20.52 -10.39
N VAL A 121 3.97 20.59 -9.79
CA VAL A 121 4.19 19.97 -8.48
C VAL A 121 4.08 21.07 -7.39
N GLU A 122 4.96 21.07 -6.38
CA GLU A 122 4.96 22.14 -5.35
C GLU A 122 6.23 22.17 -4.47
N LYS A 123 7.36 22.54 -5.07
CA LYS A 123 8.68 22.59 -4.37
C LYS A 123 8.75 23.70 -3.30
N VAL A 124 8.99 23.29 -2.04
CA VAL A 124 8.99 24.23 -0.93
C VAL A 124 10.36 24.90 -0.74
N ASP A 125 10.36 26.09 -0.14
CA ASP A 125 11.58 26.92 0.00
C ASP A 125 12.64 26.27 0.89
N GLU A 126 13.57 25.56 0.25
CA GLU A 126 14.71 24.91 0.94
C GLU A 126 15.37 25.78 2.03
N GLU A 127 15.61 27.06 1.71
CA GLU A 127 16.15 28.01 2.69
C GLU A 127 15.25 28.14 3.92
N LYS A 128 14.01 28.58 3.69
CA LYS A 128 13.04 28.76 4.79
C LYS A 128 12.64 27.45 5.46
N VAL A 129 12.70 26.35 4.72
CA VAL A 129 12.51 25.04 5.32
C VAL A 129 13.66 24.79 6.28
N LEU A 130 14.86 25.03 5.77
CA LEU A 130 16.09 24.72 6.49
C LEU A 130 16.26 25.57 7.72
N GLU A 131 16.04 26.88 7.61
CA GLU A 131 16.20 27.74 8.78
C GLU A 131 15.15 27.46 9.84
N LYS A 132 13.94 27.10 9.41
CA LYS A 132 12.86 26.81 10.35
C LYS A 132 13.16 25.58 11.20
N TYR A 133 13.64 24.51 10.55
CA TYR A 133 14.04 23.29 11.23
C TYR A 133 15.23 23.49 12.18
N VAL A 134 16.16 24.35 11.78
CA VAL A 134 17.38 24.61 12.55
C VAL A 134 17.07 25.46 13.78
N GLU A 135 16.37 26.57 13.57
CA GLU A 135 15.91 27.42 14.65
C GLU A 135 15.39 26.55 15.79
N ARG A 136 14.44 25.68 15.44
CA ARG A 136 13.77 24.82 16.41
C ARG A 136 14.70 23.74 16.99
N ARG A 137 15.68 23.32 16.21
CA ARG A 137 16.63 22.33 16.66
C ARG A 137 17.62 22.94 17.66
N ILE A 138 17.79 24.25 17.62
CA ILE A 138 18.57 24.94 18.63
C ILE A 138 17.70 25.13 19.85
N GLU A 139 16.41 25.35 19.62
CA GLU A 139 15.43 25.34 20.69
C GLU A 139 15.60 24.00 21.41
N ASP A 140 15.45 22.91 20.65
CA ASP A 140 15.59 21.55 21.17
C ASP A 140 16.92 21.30 21.88
N LEU A 141 18.02 21.69 21.24
CA LEU A 141 19.37 21.30 21.68
C LEU A 141 19.76 21.89 23.05
N ARG A 142 19.41 23.16 23.28
CA ARG A 142 19.73 23.85 24.54
C ARG A 142 18.89 23.35 25.71
N GLU A 143 17.68 22.87 25.41
CA GLU A 143 16.85 22.17 26.40
C GLU A 143 17.64 21.00 26.98
N SER A 144 17.79 19.95 26.17
CA SER A 144 18.45 18.72 26.57
C SER A 144 19.90 18.89 27.00
N HIS A 145 20.36 20.14 27.06
CA HIS A 145 21.69 20.47 27.56
C HIS A 145 21.66 21.63 28.54
N ALA A 146 20.55 21.77 29.25
CA ALA A 146 20.39 22.88 30.20
C ALA A 146 21.34 22.77 31.40
N LEU A 147 21.56 23.88 32.08
CA LEU A 147 22.42 23.88 33.27
C LEU A 147 21.57 23.51 34.48
N LEU A 148 21.74 22.28 34.99
CA LEU A 148 20.87 21.78 36.07
C LEU A 148 21.54 21.30 37.36
N GLU A 149 21.11 21.87 38.49
CA GLU A 149 21.57 21.46 39.81
C GLU A 149 20.40 21.41 40.80
N PRO A 150 20.41 20.41 41.71
CA PRO A 150 19.18 20.13 42.46
C PRO A 150 18.71 21.29 43.32
N LYS A 151 17.60 21.91 42.95
CA LYS A 151 16.93 22.89 43.79
C LYS A 151 16.61 22.22 45.14
N GLU A 152 16.91 22.91 46.23
CA GLU A 152 16.63 22.37 47.55
C GLU A 152 15.24 22.78 48.03
N GLY A 153 14.70 23.83 47.44
CA GLY A 153 13.37 24.28 47.81
C GLY A 153 12.27 23.47 47.15
N PRO A 154 11.21 24.16 46.69
CA PRO A 154 10.08 23.54 46.01
C PRO A 154 10.30 23.58 44.51
N ALA A 155 9.24 23.87 43.75
CA ALA A 155 9.31 23.88 42.29
C ALA A 155 8.27 24.84 41.69
N GLU A 156 8.74 26.00 41.20
CA GLU A 156 7.82 26.98 40.59
C GLU A 156 7.83 26.89 39.05
N ALA A 157 7.97 28.04 38.38
CA ALA A 157 8.09 28.07 36.94
C ALA A 157 9.46 27.55 36.50
N GLY A 158 9.48 26.85 35.36
CA GLY A 158 10.71 26.53 34.62
C GLY A 158 11.77 25.71 35.34
N ASP A 159 11.38 24.52 35.77
CA ASP A 159 12.25 23.64 36.55
C ASP A 159 11.89 22.20 36.22
N LEU A 160 12.91 21.33 36.16
CA LEU A 160 12.68 19.92 35.81
C LEU A 160 12.35 19.14 37.08
N VAL A 161 11.27 18.35 37.03
CA VAL A 161 10.93 17.47 38.15
C VAL A 161 11.04 16.03 37.71
N ARG A 162 12.00 15.31 38.27
CA ARG A 162 12.15 13.90 37.99
C ARG A 162 11.20 13.13 38.89
N VAL A 163 10.20 12.49 38.30
CA VAL A 163 9.15 11.81 39.08
C VAL A 163 9.14 10.33 38.77
N ASN A 164 8.99 9.52 39.80
CA ASN A 164 8.94 8.08 39.65
C ASN A 164 7.51 7.63 39.70
N MET A 165 7.03 7.15 38.57
CA MET A 165 5.61 6.84 38.41
C MET A 165 5.34 5.35 38.54
N GLU A 166 4.33 4.99 39.33
CA GLU A 166 3.89 3.60 39.45
C GLU A 166 2.40 3.48 39.15
N VAL A 167 2.04 2.53 38.28
CA VAL A 167 0.65 2.35 37.86
C VAL A 167 0.06 1.12 38.52
N TYR A 168 -1.07 1.31 39.20
CA TYR A 168 -1.77 0.25 39.90
C TYR A 168 -3.17 0.09 39.33
N ASN A 169 -3.66 -1.14 39.31
CA ASN A 169 -5.01 -1.42 38.90
C ASN A 169 -6.03 -0.97 39.92
N GLU A 170 -7.29 -0.94 39.52
CA GLU A 170 -8.39 -0.57 40.39
C GLU A 170 -8.47 -1.55 41.55
N GLU A 171 -8.00 -2.77 41.29
CA GLU A 171 -7.95 -3.85 42.28
C GLU A 171 -6.64 -3.82 43.08
N GLY A 172 -5.92 -2.70 42.98
CA GLY A 172 -4.79 -2.39 43.87
C GLY A 172 -3.47 -3.07 43.55
N LYS A 173 -3.47 -3.83 42.46
CA LYS A 173 -2.30 -4.58 42.05
C LYS A 173 -1.49 -3.77 41.06
N LYS A 174 -0.31 -3.33 41.50
CA LYS A 174 0.65 -2.61 40.66
C LYS A 174 0.79 -3.25 39.29
N LEU A 175 0.72 -2.43 38.26
CA LEU A 175 0.92 -2.90 36.91
C LEU A 175 2.42 -2.80 36.56
N THR A 176 2.94 -1.58 36.54
CA THR A 176 4.37 -1.33 36.35
C THR A 176 4.82 -0.04 37.05
N SER A 177 6.10 0.27 36.92
CA SER A 177 6.70 1.47 37.42
C SER A 177 7.38 2.17 36.24
N ARG A 178 7.71 3.44 36.44
CA ARG A 178 8.41 4.27 35.46
C ARG A 178 9.07 5.46 36.19
N GLU A 179 9.97 6.15 35.49
CA GLU A 179 10.49 7.44 35.93
C GLU A 179 10.38 8.40 34.74
N TYR A 180 10.01 9.65 35.01
CA TYR A 180 9.86 10.68 33.98
C TYR A 180 10.54 11.97 34.43
N GLU A 181 10.55 12.95 33.55
CA GLU A 181 11.11 14.25 33.89
C GLU A 181 10.27 15.35 33.25
N TYR A 182 9.37 15.92 34.03
CA TYR A 182 8.53 16.99 33.56
C TYR A 182 9.15 18.34 33.92
N VAL A 183 9.05 19.27 32.98
CA VAL A 183 9.43 20.65 33.24
C VAL A 183 8.18 21.54 33.42
N ILE A 184 8.21 22.33 34.49
CA ILE A 184 7.14 23.28 34.84
C ILE A 184 7.44 24.65 34.20
N SER A 185 6.41 25.51 34.09
CA SER A 185 6.59 26.89 33.61
C SER A 185 5.65 27.88 34.33
N GLU A 186 5.40 29.03 33.72
CA GLU A 186 4.54 30.06 34.31
C GLU A 186 3.05 29.72 34.18
N ASP A 187 2.40 29.56 35.34
CA ASP A 187 0.95 29.32 35.47
C ASP A 187 0.41 28.29 34.48
N GLU A 188 1.07 27.14 34.40
CA GLU A 188 0.65 26.11 33.44
C GLU A 188 0.48 24.72 34.05
N ASP A 189 -0.52 23.99 33.54
CA ASP A 189 -1.09 22.83 34.22
C ASP A 189 -1.66 21.78 33.27
N ARG A 190 -1.26 20.52 33.51
CA ARG A 190 -1.60 19.36 32.69
C ARG A 190 -1.67 18.17 33.64
N PRO A 191 -2.50 17.14 33.33
CA PRO A 191 -2.68 16.03 34.27
C PRO A 191 -1.37 15.53 34.85
N PHE A 192 -1.41 15.04 36.09
CA PHE A 192 -0.25 14.48 36.81
C PHE A 192 1.05 15.32 36.77
N VAL A 193 0.95 16.59 36.39
CA VAL A 193 2.10 17.48 36.46
C VAL A 193 1.66 18.69 37.28
N LYS A 194 0.46 19.16 36.97
CA LYS A 194 -0.18 20.24 37.72
C LYS A 194 -0.04 20.00 39.22
N ASP A 195 -0.58 18.88 39.67
CA ASP A 195 -0.50 18.45 41.05
C ASP A 195 0.90 17.87 41.26
N LEU A 196 1.87 18.79 41.40
CA LEU A 196 3.31 18.48 41.47
C LEU A 196 4.07 19.80 41.36
N VAL A 197 3.39 20.90 41.66
CA VAL A 197 3.99 22.22 41.65
C VAL A 197 4.19 22.67 43.09
N GLY A 198 5.45 22.88 43.45
CA GLY A 198 5.77 23.23 44.82
C GLY A 198 5.87 21.97 45.67
N LYS A 199 6.60 20.99 45.14
CA LYS A 199 6.85 19.77 45.86
C LYS A 199 8.35 19.57 45.92
N LYS A 200 8.80 18.69 46.81
CA LYS A 200 10.22 18.49 47.07
C LYS A 200 10.64 17.04 46.80
N LYS A 201 11.93 16.76 46.95
CA LYS A 201 12.43 15.39 46.85
C LYS A 201 11.84 14.52 47.96
N GLY A 202 11.34 13.35 47.57
CA GLY A 202 10.73 12.42 48.51
C GLY A 202 9.22 12.52 48.60
N ASP A 203 8.70 13.74 48.52
CA ASP A 203 7.26 14.01 48.58
C ASP A 203 6.47 13.24 47.51
N VAL A 204 5.29 12.74 47.87
CA VAL A 204 4.46 11.90 47.00
C VAL A 204 3.12 12.53 46.64
N VAL A 205 2.52 12.01 45.57
CA VAL A 205 1.19 12.40 45.12
C VAL A 205 0.55 11.17 44.51
N GLU A 206 -0.76 11.02 44.68
CA GLU A 206 -1.44 9.86 44.12
C GLU A 206 -2.65 10.26 43.30
N ILE A 207 -2.38 10.57 42.03
CA ILE A 207 -3.41 10.86 41.03
C ILE A 207 -4.18 9.57 40.69
N GLU A 208 -5.48 9.60 40.95
CA GLU A 208 -6.37 8.49 40.59
C GLU A 208 -7.26 8.93 39.43
N ARG A 209 -6.89 8.57 38.20
CA ARG A 209 -7.64 8.93 36.99
C ARG A 209 -8.25 7.71 36.29
N GLU A 210 -9.35 7.93 35.59
CA GLU A 210 -10.05 6.83 34.93
C GLU A 210 -9.81 6.84 33.42
N TYR A 211 -9.35 5.72 32.87
CA TYR A 211 -9.07 5.62 31.43
C TYR A 211 -9.65 4.39 30.78
N GLU A 212 -10.10 4.59 29.54
CA GLU A 212 -10.67 3.54 28.65
C GLU A 212 -11.80 2.73 29.31
N GLY A 213 -11.46 2.00 30.36
CA GLY A 213 -12.43 1.22 31.13
C GLY A 213 -12.30 1.37 32.63
N LYS A 214 -11.26 0.77 33.21
CA LYS A 214 -11.13 0.66 34.66
C LYS A 214 -10.51 1.89 35.31
N LYS A 215 -10.62 1.97 36.64
CA LYS A 215 -10.02 3.02 37.44
C LYS A 215 -8.55 2.70 37.63
N TYR A 216 -7.66 3.64 37.26
CA TYR A 216 -6.22 3.44 37.41
C TYR A 216 -5.64 4.43 38.45
N THR A 217 -4.72 3.94 39.27
CA THR A 217 -4.15 4.71 40.37
C THR A 217 -2.65 4.93 40.22
N TYR A 218 -2.25 6.17 40.00
CA TYR A 218 -0.87 6.53 39.69
C TYR A 218 -0.14 7.11 40.88
N LYS A 219 0.80 6.36 41.45
CA LYS A 219 1.66 6.86 42.51
C LYS A 219 2.85 7.64 41.94
N LEU A 220 3.04 8.87 42.40
CA LEU A 220 4.08 9.75 41.86
C LEU A 220 5.04 10.26 42.93
N GLU A 221 6.21 9.62 43.04
CA GLU A 221 7.23 10.09 43.95
C GLU A 221 8.20 11.01 43.21
N VAL A 222 8.44 12.18 43.79
CA VAL A 222 9.38 13.13 43.24
C VAL A 222 10.82 12.64 43.50
N GLU A 223 11.45 12.08 42.47
CA GLU A 223 12.82 11.55 42.55
C GLU A 223 13.87 12.63 42.86
N GLU A 224 13.76 13.77 42.19
CA GLU A 224 14.62 14.92 42.47
C GLU A 224 14.08 16.15 41.75
N VAL A 225 14.38 17.32 42.31
CA VAL A 225 14.17 18.57 41.62
C VAL A 225 15.54 19.07 41.14
N TYR A 226 15.57 19.73 39.98
CA TYR A 226 16.78 20.33 39.45
C TYR A 226 16.44 21.72 38.93
N LYS A 227 17.43 22.62 38.98
CA LYS A 227 17.26 23.98 38.43
C LYS A 227 17.54 24.06 36.91
N ARG A 228 16.67 24.83 36.25
CA ARG A 228 16.53 24.83 34.81
C ARG A 228 16.77 26.25 34.28
N THR A 229 18.06 26.56 34.10
CA THR A 229 18.53 27.74 33.34
C THR A 229 19.37 27.23 32.17
N LEU A 230 18.78 27.30 30.98
CA LEU A 230 19.34 26.70 29.77
C LEU A 230 20.42 27.60 29.13
N PRO A 231 21.38 26.98 28.39
CA PRO A 231 22.35 27.76 27.61
C PRO A 231 21.69 28.68 26.59
N GLU A 232 22.16 29.92 26.58
CA GLU A 232 21.71 30.91 25.62
C GLU A 232 22.49 30.70 24.33
N ILE A 233 21.81 30.85 23.19
CA ILE A 233 22.36 30.54 21.86
C ILE A 233 23.76 31.14 21.63
N GLY A 234 24.79 30.34 21.90
CA GLY A 234 26.16 30.75 21.71
C GLY A 234 27.12 29.59 21.48
N ASP A 235 28.38 29.83 21.77
CA ASP A 235 29.46 28.87 21.56
C ASP A 235 29.64 27.95 22.77
N GLU A 236 29.06 28.36 23.90
CA GLU A 236 29.01 27.54 25.10
C GLU A 236 28.03 26.40 24.87
N LEU A 237 27.20 26.52 23.83
CA LEU A 237 26.27 25.47 23.43
C LEU A 237 26.99 24.40 22.61
N ALA A 238 28.10 24.79 21.98
CA ALA A 238 28.95 23.88 21.19
C ALA A 238 29.55 22.73 22.03
N LYS A 239 29.31 22.77 23.33
CA LYS A 239 29.55 21.63 24.22
C LYS A 239 28.66 20.40 23.91
N SER A 240 27.72 20.55 22.97
CA SER A 240 26.91 19.41 22.49
C SER A 240 27.79 18.33 21.86
N VAL A 241 28.78 18.72 21.05
CA VAL A 241 29.91 17.84 20.71
C VAL A 241 31.15 18.32 21.48
N ASN A 242 31.62 17.48 22.41
CA ASN A 242 32.66 17.83 23.41
C ASN A 242 34.02 18.29 22.84
N ASN A 243 34.60 17.49 21.96
CA ASN A 243 35.65 18.00 21.09
C ASN A 243 34.95 18.63 19.89
N GLU A 244 35.65 18.76 18.77
CA GLU A 244 35.03 19.28 17.55
C GLU A 244 34.58 20.75 17.67
N PHE A 245 33.31 20.97 18.01
CA PHE A 245 32.67 22.29 17.97
C PHE A 245 33.29 23.26 18.96
N GLU A 246 33.52 24.49 18.52
CA GLU A 246 34.07 25.58 19.35
C GLU A 246 33.30 26.89 19.10
N THR A 247 32.65 26.99 17.95
CA THR A 247 31.80 28.14 17.60
C THR A 247 30.36 27.72 17.37
N LEU A 248 29.44 28.68 17.51
CA LEU A 248 28.02 28.42 17.28
C LEU A 248 27.76 28.26 15.80
N GLU A 249 28.53 28.98 14.99
CA GLU A 249 28.49 28.87 13.52
C GLU A 249 28.73 27.42 13.11
N GLN A 250 29.70 26.76 13.75
CA GLN A 250 29.94 25.34 13.54
C GLN A 250 28.74 24.47 13.84
N LEU A 251 27.84 24.96 14.69
CA LEU A 251 26.60 24.26 14.98
C LEU A 251 25.56 24.65 13.95
N LYS A 252 25.21 25.93 13.92
CA LYS A 252 24.25 26.46 12.96
C LYS A 252 24.70 26.18 11.53
N GLU A 253 25.73 26.91 11.08
CA GLU A 253 26.28 26.88 9.71
C GLU A 253 26.47 25.45 9.19
N SER A 254 26.48 24.49 10.14
CA SER A 254 26.48 23.08 9.82
C SER A 254 25.05 22.57 9.60
N LEU A 255 24.25 22.59 10.68
CA LEU A 255 22.84 22.13 10.64
C LEU A 255 22.01 22.76 9.55
N LYS A 256 22.22 24.07 9.33
CA LYS A 256 21.64 24.83 8.21
C LYS A 256 21.56 23.99 6.95
N LYS A 257 22.52 23.09 6.79
CA LYS A 257 22.53 22.12 5.71
C LYS A 257 23.08 20.78 6.21
N GLU A 258 22.88 20.51 7.51
CA GLU A 258 23.08 19.18 8.03
C GLU A 258 21.76 18.45 7.86
N GLY A 259 20.66 19.16 8.16
CA GLY A 259 19.31 18.64 7.97
C GLY A 259 18.79 18.86 6.56
N LYS A 260 19.69 19.20 5.64
CA LYS A 260 19.42 19.21 4.20
C LYS A 260 19.28 17.77 3.72
N GLU A 261 19.82 16.83 4.50
CA GLU A 261 19.72 15.41 4.22
C GLU A 261 18.30 14.91 4.38
N ILE A 262 17.48 15.65 5.11
CA ILE A 262 16.09 15.31 5.30
C ILE A 262 15.21 15.93 4.21
N TYR A 263 15.50 17.17 3.81
CA TYR A 263 14.81 17.78 2.69
C TYR A 263 15.10 17.03 1.40
N ASP A 264 16.28 16.43 1.32
CA ASP A 264 16.69 15.60 0.18
C ASP A 264 15.76 14.40 -0.06
N VAL A 265 15.04 13.95 0.97
CA VAL A 265 14.15 12.80 0.82
C VAL A 265 12.66 13.18 0.93
N GLU A 266 12.21 13.61 2.11
CA GLU A 266 10.79 13.99 2.30
C GLU A 266 10.19 14.74 1.09
N MET A 267 10.99 15.66 0.52
CA MET A 267 10.62 16.42 -0.67
C MET A 267 10.60 15.49 -1.90
N LYS A 268 11.74 14.89 -2.26
CA LYS A 268 11.80 13.97 -3.40
C LYS A 268 10.57 13.08 -3.36
N GLU A 269 10.28 12.52 -2.19
CA GLU A 269 9.19 11.59 -2.00
C GLU A 269 7.85 12.25 -2.22
N SER A 270 7.67 13.43 -1.65
CA SER A 270 6.43 14.18 -1.84
C SER A 270 6.24 14.54 -3.30
N MET A 271 7.30 15.05 -3.90
CA MET A 271 7.27 15.40 -5.29
C MET A 271 6.82 14.21 -6.11
N ARG A 272 7.49 13.10 -5.87
CA ARG A 272 7.17 11.83 -6.50
C ARG A 272 5.69 11.47 -6.39
N GLU A 273 5.15 11.51 -5.17
CA GLU A 273 3.75 11.12 -4.90
C GLU A 273 2.74 12.09 -5.51
N GLN A 274 3.11 13.36 -5.58
CA GLN A 274 2.35 14.38 -6.29
C GLN A 274 2.24 14.02 -7.79
N LEU A 275 3.38 13.92 -8.47
CA LEU A 275 3.41 13.50 -9.86
C LEU A 275 2.65 12.19 -10.11
N LEU A 276 2.87 11.21 -9.23
CA LEU A 276 2.20 9.91 -9.33
C LEU A 276 0.71 10.09 -9.38
N GLU A 277 0.20 10.83 -8.40
CA GLU A 277 -1.22 11.13 -8.29
C GLU A 277 -1.71 12.00 -9.47
N LYS A 278 -0.89 12.97 -9.87
CA LYS A 278 -1.25 13.88 -10.98
C LYS A 278 -1.14 13.24 -12.36
N LEU A 279 -0.46 12.11 -12.45
CA LEU A 279 -0.09 11.52 -13.74
C LEU A 279 -1.24 11.38 -14.76
N PRO A 280 -2.44 10.95 -14.33
CA PRO A 280 -3.52 10.65 -15.30
C PRO A 280 -3.91 11.80 -16.24
N GLU A 281 -3.62 13.04 -15.84
CA GLU A 281 -4.08 14.20 -16.59
C GLU A 281 -3.41 14.30 -17.96
N ILE A 282 -2.16 13.84 -18.07
CA ILE A 282 -1.40 13.92 -19.31
C ILE A 282 -1.47 12.62 -20.11
N VAL A 283 -2.21 11.64 -19.59
CA VAL A 283 -2.18 10.29 -20.13
C VAL A 283 -3.49 9.87 -20.75
N GLU A 284 -3.46 9.64 -22.05
CA GLU A 284 -4.66 9.21 -22.75
C GLU A 284 -4.57 7.70 -22.92
N ILE A 285 -5.68 7.03 -22.61
CA ILE A 285 -5.80 5.57 -22.71
C ILE A 285 -6.87 5.22 -23.74
N GLU A 286 -6.92 3.96 -24.14
CA GLU A 286 -8.02 3.48 -24.97
C GLU A 286 -8.63 2.22 -24.35
N ILE A 287 -9.26 2.39 -23.21
CA ILE A 287 -9.93 1.28 -22.56
C ILE A 287 -11.34 1.15 -23.12
N SER A 288 -11.76 -0.07 -23.41
CA SER A 288 -13.15 -0.32 -23.78
C SER A 288 -14.12 -0.10 -22.62
N ASP A 289 -15.27 0.47 -22.93
CA ASP A 289 -16.28 0.80 -21.92
C ASP A 289 -16.83 -0.47 -21.26
N ARG A 290 -16.82 -1.58 -22.01
CA ARG A 290 -17.16 -2.90 -21.47
C ARG A 290 -16.11 -3.32 -20.45
N THR A 291 -14.84 -3.06 -20.76
CA THR A 291 -13.71 -3.35 -19.88
C THR A 291 -13.75 -2.47 -18.65
N LEU A 292 -14.28 -1.26 -18.84
CA LEU A 292 -14.57 -0.38 -17.71
C LEU A 292 -15.64 -0.98 -16.81
N GLU A 293 -16.81 -1.25 -17.38
CA GLU A 293 -17.93 -1.81 -16.63
C GLU A 293 -17.54 -3.06 -15.86
N ILE A 294 -16.78 -3.95 -16.48
CA ILE A 294 -16.47 -5.25 -15.87
C ILE A 294 -15.57 -5.13 -14.64
N LEU A 295 -14.49 -4.34 -14.75
CA LEU A 295 -13.61 -4.04 -13.61
C LEU A 295 -14.32 -3.23 -12.52
N VAL A 296 -15.20 -2.32 -12.95
CA VAL A 296 -16.07 -1.54 -12.07
C VAL A 296 -17.05 -2.39 -11.29
N ASN A 297 -17.69 -3.34 -11.97
CA ASN A 297 -18.61 -4.29 -11.34
C ASN A 297 -17.88 -5.29 -10.46
N GLU A 298 -16.66 -5.66 -10.87
CA GLU A 298 -15.80 -6.50 -10.07
C GLU A 298 -15.34 -5.77 -8.78
N ALA A 299 -15.03 -4.48 -8.90
CA ALA A 299 -14.69 -3.66 -7.74
C ALA A 299 -15.87 -3.55 -6.77
N ILE A 300 -17.07 -3.33 -7.31
CA ILE A 300 -18.27 -3.12 -6.50
C ILE A 300 -18.73 -4.39 -5.80
N ASN A 301 -18.70 -5.51 -6.53
CA ASN A 301 -19.20 -6.77 -5.99
C ASN A 301 -18.26 -7.38 -4.97
N ARG A 302 -17.00 -6.97 -4.98
CA ARG A 302 -16.04 -7.33 -3.94
C ARG A 302 -16.18 -6.39 -2.75
N LEU A 303 -16.42 -5.10 -3.00
CA LEU A 303 -16.77 -4.15 -1.95
C LEU A 303 -18.01 -4.67 -1.25
N LYS A 304 -18.85 -5.35 -2.02
CA LYS A 304 -20.02 -6.02 -1.50
C LYS A 304 -19.64 -7.26 -0.69
N ARG A 305 -18.73 -8.07 -1.21
CA ARG A 305 -18.32 -9.32 -0.53
C ARG A 305 -17.66 -9.10 0.83
N GLU A 306 -16.95 -7.98 0.99
CA GLU A 306 -16.27 -7.64 2.23
C GLU A 306 -17.24 -7.14 3.29
N GLY A 307 -17.86 -5.99 3.01
CA GLY A 307 -18.77 -5.34 3.94
C GLY A 307 -18.70 -3.83 3.85
N ARG A 308 -17.51 -3.32 3.55
CA ARG A 308 -17.28 -1.89 3.46
C ARG A 308 -17.92 -1.23 2.23
N TYR A 309 -19.16 -1.64 1.90
CA TYR A 309 -19.89 -1.08 0.76
C TYR A 309 -20.92 -0.06 1.23
N GLU A 310 -21.91 -0.57 1.98
CA GLU A 310 -23.00 0.23 2.51
C GLU A 310 -22.47 1.26 3.53
N GLN A 311 -21.19 1.14 3.83
CA GLN A 311 -20.46 2.10 4.64
C GLN A 311 -20.09 3.30 3.77
N ILE A 312 -19.77 3.04 2.51
CA ILE A 312 -19.24 4.05 1.60
C ILE A 312 -20.27 4.53 0.58
N VAL A 313 -20.92 3.58 -0.10
CA VAL A 313 -21.97 3.92 -1.07
C VAL A 313 -23.15 4.59 -0.37
N SER A 314 -23.51 4.07 0.81
CA SER A 314 -24.55 4.67 1.64
C SER A 314 -23.93 5.70 2.59
N SER A 315 -23.16 6.61 2.02
CA SER A 315 -22.58 7.75 2.73
C SER A 315 -22.01 8.76 1.72
N TYR A 316 -22.61 8.80 0.53
CA TYR A 316 -22.18 9.75 -0.51
C TYR A 316 -23.31 10.59 -1.10
N GLU A 317 -24.05 10.03 -2.06
CA GLU A 317 -25.16 10.73 -2.71
C GLU A 317 -26.27 9.75 -3.05
N SER A 318 -25.95 8.71 -3.82
CA SER A 318 -26.94 7.71 -4.25
C SER A 318 -26.33 6.29 -4.32
N GLU A 319 -26.64 5.58 -5.41
CA GLU A 319 -26.11 4.24 -5.67
C GLU A 319 -25.34 4.22 -7.01
N GLU A 320 -26.04 4.63 -8.08
CA GLU A 320 -25.53 4.69 -9.45
C GLU A 320 -24.42 5.73 -9.62
N LYS A 321 -24.40 6.70 -8.72
CA LYS A 321 -23.52 7.87 -8.82
C LYS A 321 -22.13 7.58 -8.26
N PHE A 322 -22.07 6.75 -7.21
CA PHE A 322 -20.80 6.20 -6.73
C PHE A 322 -20.14 5.29 -7.78
N ARG A 323 -20.96 4.50 -8.50
CA ARG A 323 -20.50 3.60 -9.57
C ARG A 323 -19.82 4.42 -10.66
N GLU A 324 -20.45 5.53 -11.02
CA GLU A 324 -19.85 6.54 -11.90
C GLU A 324 -18.56 7.11 -11.28
N GLU A 325 -18.63 7.42 -9.99
CA GLU A 325 -17.52 8.05 -9.27
C GLU A 325 -16.31 7.11 -9.09
N LEU A 326 -16.59 5.82 -8.89
CA LEU A 326 -15.55 4.83 -8.74
C LEU A 326 -14.86 4.58 -10.07
N LYS A 327 -15.67 4.55 -11.14
CA LYS A 327 -15.20 4.36 -12.52
C LYS A 327 -14.11 5.37 -12.89
N GLU A 328 -14.31 6.62 -12.48
CA GLU A 328 -13.32 7.68 -12.65
C GLU A 328 -12.07 7.47 -11.77
N ARG A 329 -12.16 6.57 -10.77
CA ARG A 329 -10.99 6.22 -9.95
C ARG A 329 -10.23 5.07 -10.58
N ILE A 330 -10.91 3.96 -10.83
CA ILE A 330 -10.27 2.78 -11.41
C ILE A 330 -9.46 3.12 -12.67
N LEU A 331 -10.06 3.92 -13.54
CA LEU A 331 -9.46 4.34 -14.77
C LEU A 331 -8.10 4.99 -14.52
N ASP A 332 -8.06 5.90 -13.56
CA ASP A 332 -6.86 6.69 -13.30
C ASP A 332 -5.66 5.90 -12.75
N ASP A 333 -5.91 4.66 -12.33
CA ASP A 333 -4.82 3.76 -11.92
C ASP A 333 -4.44 2.93 -13.12
N ILE A 334 -5.45 2.39 -13.78
CA ILE A 334 -5.24 1.73 -15.05
C ILE A 334 -4.31 2.67 -15.80
N LYS A 335 -4.54 3.97 -15.64
CA LYS A 335 -3.70 5.00 -16.26
C LYS A 335 -2.30 5.02 -15.66
N ARG A 336 -2.20 5.48 -14.41
CA ARG A 336 -0.94 5.56 -13.68
C ARG A 336 -0.02 4.34 -13.86
N ASP A 337 -0.58 3.13 -13.73
CA ASP A 337 0.17 1.86 -13.80
C ASP A 337 0.79 1.60 -15.16
N ARG A 338 -0.05 1.75 -16.18
CA ARG A 338 0.32 1.34 -17.50
C ARG A 338 1.28 2.37 -18.05
N VAL A 339 1.26 3.58 -17.50
CA VAL A 339 2.28 4.58 -17.81
C VAL A 339 3.64 4.11 -17.34
N ILE A 340 3.73 3.74 -16.07
CA ILE A 340 4.94 3.11 -15.53
C ILE A 340 5.21 1.83 -16.30
N GLU A 341 4.17 1.02 -16.49
CA GLU A 341 4.34 -0.27 -17.16
C GLU A 341 5.19 -0.13 -18.40
N VAL A 342 4.80 0.79 -19.29
CA VAL A 342 5.53 0.99 -20.53
C VAL A 342 6.86 1.71 -20.25
N LEU A 343 6.78 2.95 -19.78
CA LEU A 343 7.95 3.76 -19.43
C LEU A 343 9.08 2.98 -18.77
N ALA A 344 8.72 1.93 -18.05
CA ALA A 344 9.69 1.07 -17.38
C ALA A 344 10.61 0.47 -18.40
N GLN A 345 10.07 -0.40 -19.24
CA GLN A 345 10.85 -1.07 -20.29
C GLN A 345 11.26 -0.11 -21.40
N GLU A 346 10.37 0.84 -21.71
CA GLU A 346 10.62 1.82 -22.78
C GLU A 346 11.56 2.99 -22.39
N LYS A 347 12.09 2.94 -21.17
CA LYS A 347 13.16 3.86 -20.74
C LYS A 347 14.27 3.10 -20.01
N GLY A 348 14.40 1.82 -20.36
CA GLY A 348 15.47 0.97 -19.89
C GLY A 348 15.53 0.81 -18.39
N ILE A 349 14.45 0.31 -17.81
CA ILE A 349 14.37 0.10 -16.36
C ILE A 349 13.75 -1.24 -16.02
N SER A 350 14.45 -1.99 -15.16
CA SER A 350 13.92 -3.18 -14.51
C SER A 350 14.46 -3.27 -13.09
N VAL A 351 13.71 -3.96 -12.22
CA VAL A 351 14.03 -4.03 -10.79
C VAL A 351 14.70 -5.37 -10.46
N ASN A 352 15.93 -5.30 -9.96
CA ASN A 352 16.71 -6.52 -9.65
C ASN A 352 16.62 -6.99 -8.20
N ASP A 353 16.82 -8.29 -8.02
CA ASP A 353 16.84 -8.94 -6.71
C ASP A 353 17.61 -8.19 -5.61
N GLU A 354 18.66 -7.47 -5.98
CA GLU A 354 19.50 -6.77 -5.03
C GLU A 354 18.74 -5.66 -4.33
N GLU A 355 18.23 -4.70 -5.11
CA GLU A 355 17.49 -3.56 -4.59
C GLU A 355 16.18 -4.00 -3.96
N LEU A 356 15.66 -5.14 -4.42
CA LEU A 356 14.53 -5.81 -3.80
C LEU A 356 14.84 -6.06 -2.31
N GLU A 357 16.08 -6.46 -2.03
CA GLU A 357 16.55 -6.77 -0.68
C GLU A 357 16.57 -5.54 0.23
N LYS A 358 17.37 -4.54 -0.16
CA LYS A 358 17.47 -3.28 0.57
C LYS A 358 16.09 -2.82 1.00
N GLU A 359 15.15 -2.88 0.05
CA GLU A 359 13.77 -2.44 0.24
C GLU A 359 13.08 -3.18 1.37
N ALA A 360 13.12 -4.50 1.33
CA ALA A 360 12.51 -5.32 2.37
C ALA A 360 13.22 -5.15 3.71
N GLU A 361 14.52 -4.80 3.67
CA GLU A 361 15.31 -4.57 4.89
C GLU A 361 14.72 -3.42 5.73
N GLU A 362 14.42 -2.31 5.06
CA GLU A 362 13.79 -1.14 5.71
C GLU A 362 12.28 -1.29 5.87
N LEU A 363 11.71 -2.28 5.18
CA LEU A 363 10.32 -2.67 5.35
C LEU A 363 10.10 -3.61 6.53
N ALA A 364 11.17 -4.30 6.93
CA ALA A 364 11.12 -5.25 8.02
C ALA A 364 10.62 -4.63 9.32
N PRO A 365 11.19 -3.46 9.73
CA PRO A 365 10.66 -2.79 10.92
C PRO A 365 9.15 -2.68 10.90
N PHE A 366 8.58 -2.59 9.69
CA PHE A 366 7.15 -2.39 9.49
C PHE A 366 6.32 -3.69 9.51
N TRP A 367 7.01 -4.83 9.68
CA TRP A 367 6.37 -6.16 9.77
C TRP A 367 6.64 -6.87 11.11
N GLY A 368 7.62 -6.38 11.86
CA GLY A 368 7.85 -6.83 13.23
C GLY A 368 8.84 -7.98 13.43
N ILE A 369 9.38 -8.51 12.32
CA ILE A 369 10.39 -9.57 12.40
C ILE A 369 11.80 -9.08 12.02
N SER A 370 12.79 -9.98 12.14
CA SER A 370 14.19 -9.69 11.81
C SER A 370 14.36 -9.05 10.41
N PRO A 371 15.41 -8.21 10.21
CA PRO A 371 15.62 -7.70 8.86
C PRO A 371 15.95 -8.84 7.89
N ASP A 372 16.66 -9.85 8.39
CA ASP A 372 17.09 -11.01 7.59
C ASP A 372 15.93 -11.96 7.34
N ARG A 373 14.93 -11.94 8.23
CA ARG A 373 13.73 -12.76 8.08
C ARG A 373 12.85 -12.28 6.91
N ALA A 374 12.84 -10.97 6.69
CA ALA A 374 12.06 -10.36 5.59
C ALA A 374 12.45 -10.93 4.24
N LYS A 375 13.76 -10.99 3.97
CA LYS A 375 14.28 -11.57 2.73
C LYS A 375 13.77 -13.00 2.54
N SER A 376 13.74 -13.76 3.63
CA SER A 376 13.21 -15.12 3.62
C SER A 376 11.72 -15.11 3.27
N LEU A 377 10.99 -14.16 3.84
CA LEU A 377 9.58 -13.95 3.53
C LEU A 377 9.39 -13.59 2.05
N VAL A 378 10.32 -12.81 1.50
CA VAL A 378 10.32 -12.42 0.07
C VAL A 378 10.61 -13.61 -0.84
N LYS A 379 11.61 -14.40 -0.46
CA LYS A 379 12.01 -15.58 -1.21
C LYS A 379 10.89 -16.64 -1.23
N ALA A 380 10.18 -16.79 -0.11
CA ALA A 380 9.06 -17.72 -0.01
C ALA A 380 7.87 -17.21 -0.80
N ARG A 381 7.22 -16.18 -0.27
CA ARG A 381 5.97 -15.66 -0.83
C ARG A 381 6.18 -14.86 -2.11
N GLN A 382 5.43 -15.22 -3.15
CA GLN A 382 5.51 -14.55 -4.45
C GLN A 382 4.79 -13.22 -4.44
N ASP A 383 3.50 -13.26 -4.17
CA ASP A 383 2.66 -12.05 -4.05
C ASP A 383 3.45 -10.88 -3.48
N LEU A 384 4.43 -11.20 -2.63
CA LEU A 384 5.20 -10.22 -1.88
C LEU A 384 6.44 -9.70 -2.62
N ARG A 385 7.11 -10.58 -3.36
CA ARG A 385 8.26 -10.13 -4.16
C ARG A 385 7.85 -9.37 -5.42
N GLU A 386 6.62 -9.63 -5.87
CA GLU A 386 6.01 -8.90 -6.99
C GLU A 386 5.52 -7.50 -6.55
N GLU A 387 4.88 -7.45 -5.39
CA GLU A 387 4.44 -6.19 -4.77
C GLU A 387 5.60 -5.20 -4.58
N LEU A 388 6.78 -5.71 -4.20
CA LEU A 388 7.97 -4.86 -3.98
C LEU A 388 8.62 -4.43 -5.30
N ARG A 389 8.69 -5.36 -6.25
CA ARG A 389 9.17 -5.11 -7.60
C ARG A 389 8.52 -3.87 -8.20
N TRP A 390 7.19 -3.93 -8.29
CA TRP A 390 6.39 -2.84 -8.80
C TRP A 390 6.55 -1.56 -7.98
N ALA A 391 6.86 -1.72 -6.70
CA ALA A 391 6.95 -0.57 -5.79
C ALA A 391 8.22 0.24 -6.03
N ILE A 392 9.33 -0.46 -6.27
CA ILE A 392 10.61 0.17 -6.59
C ILE A 392 10.54 0.74 -8.00
N LEU A 393 10.10 -0.10 -8.94
CA LEU A 393 9.91 0.25 -10.34
C LEU A 393 9.30 1.63 -10.49
N LYS A 394 8.27 1.88 -9.68
CA LYS A 394 7.54 3.14 -9.58
C LYS A 394 8.45 4.27 -9.08
N ARG A 395 9.08 4.05 -7.92
CA ARG A 395 10.08 4.97 -7.38
C ARG A 395 10.97 5.45 -8.52
N LYS A 396 11.51 4.50 -9.28
CA LYS A 396 12.43 4.78 -10.40
C LYS A 396 11.81 5.59 -11.55
N VAL A 397 10.71 5.10 -12.11
CA VAL A 397 10.07 5.75 -13.26
C VAL A 397 9.58 7.14 -12.90
N LEU A 398 8.77 7.25 -11.85
CA LEU A 398 8.38 8.57 -11.39
C LEU A 398 9.63 9.41 -11.15
N ASP A 399 10.70 8.75 -10.73
CA ASP A 399 11.96 9.42 -10.40
C ASP A 399 12.68 10.00 -11.63
N LEU A 400 12.18 9.70 -12.82
CA LEU A 400 12.76 10.22 -14.06
C LEU A 400 11.87 11.28 -14.68
N LEU A 401 10.59 10.95 -14.82
CA LEU A 401 9.61 11.88 -15.38
C LEU A 401 9.60 13.22 -14.63
N LEU A 402 9.82 13.13 -13.33
CA LEU A 402 9.85 14.29 -12.44
C LEU A 402 11.15 15.05 -12.65
N GLN A 403 12.25 14.30 -12.70
CA GLN A 403 13.55 14.88 -13.03
C GLN A 403 13.61 15.23 -14.52
N GLU A 404 12.44 15.59 -15.06
CA GLU A 404 12.28 15.86 -16.49
C GLU A 404 11.16 16.86 -16.81
N VAL A 405 10.58 17.48 -15.77
CA VAL A 405 9.54 18.51 -15.99
C VAL A 405 10.19 19.75 -16.66
N GLU A 406 10.27 19.72 -17.99
CA GLU A 406 11.07 20.66 -18.79
C GLU A 406 10.30 21.80 -19.48
#